data_1I6J
#
_entry.id   1I6J
#
_cell.length_a   54.264
_cell.length_b   146.648
_cell.length_c   46.708
_cell.angle_alpha   90.00
_cell.angle_beta   90.00
_cell.angle_gamma   90.00
#
_symmetry.space_group_name_H-M   'P 21 21 2'
#
loop_
_entity.id
_entity.type
_entity.pdbx_description
1 polymer "5'-D(*GP*TP*CP*GP*TP*C)-3'"
2 polymer "5'-D(*AP*CP*GP*GP*GP*AP*CP*GP*AP*C)-3'"
3 polymer 'REVERSE TRANSCRIPTASE'
4 water water
#
loop_
_entity_poly.entity_id
_entity_poly.type
_entity_poly.pdbx_seq_one_letter_code
_entity_poly.pdbx_strand_id
1 'polydeoxyribonucleotide' (DG)(DT)(DC)(DG)(DT)(DC) B
2 'polydeoxyribonucleotide' (DA)(DC)(DG)(DG)(DG)(DA)(DC)(DG)(DA)(DC) C
3 'polypeptide(L)'
;MTWLSDFPQAWAETGGMGLAVRQAPLIIPLKATSTPVSIKQYPMSQEARLGIKPHIQRLLDQGILVPCQSPWNTPLLPVK
KPGTNDYRPVQDLREVNKRVEDIHPTVPNPYNLLSGLPPSHQWYTVLDLKDAFFCLRLHPTSQPLFAFEWRDPEMGISGQ
LTWTRLPQGFKNSPTLFDEALHRDLADFRIQHPDLILLQYVDDLLLAATSELDCQQGTRALLQTLGNLGYRASAKKAQIC
QKQVKYLGYLLKEGQR
;
A
#
# COMPACT_ATOMS: atom_id res chain seq x y z
N MET C 1 0.04 -20.53 -14.40
CA MET C 1 1.05 -19.62 -13.77
C MET C 1 2.07 -19.13 -14.80
N THR C 2 1.72 -19.22 -16.08
CA THR C 2 2.62 -18.77 -17.12
C THR C 2 2.77 -17.25 -17.02
N TRP C 3 1.81 -16.62 -16.33
CA TRP C 3 1.82 -15.18 -16.14
C TRP C 3 2.96 -14.81 -15.20
N LEU C 4 3.14 -15.64 -14.17
CA LEU C 4 4.18 -15.42 -13.18
C LEU C 4 5.56 -15.35 -13.83
N SER C 5 5.74 -16.11 -14.91
CA SER C 5 7.01 -16.14 -15.62
C SER C 5 7.14 -14.99 -16.62
N ASP C 6 6.06 -14.68 -17.33
CA ASP C 6 6.09 -13.62 -18.33
C ASP C 6 6.23 -12.21 -17.76
N PHE C 7 5.90 -12.04 -16.47
CA PHE C 7 5.99 -10.72 -15.84
C PHE C 7 6.67 -10.78 -14.48
N PRO C 8 7.96 -11.15 -14.47
CA PRO C 8 8.79 -11.28 -13.26
C PRO C 8 8.72 -10.07 -12.34
N GLN C 9 8.98 -8.90 -12.91
CA GLN C 9 9.01 -7.63 -12.20
C GLN C 9 7.67 -7.14 -11.65
N ALA C 10 6.57 -7.61 -12.23
CA ALA C 10 5.25 -7.17 -11.80
C ALA C 10 4.70 -7.85 -10.54
N TRP C 11 5.08 -9.09 -10.29
CA TRP C 11 4.57 -9.81 -9.13
C TRP C 11 5.40 -9.60 -7.87
N ALA C 12 4.73 -9.43 -6.74
CA ALA C 12 5.43 -9.24 -5.48
C ALA C 12 6.35 -10.43 -5.23
N GLU C 13 5.87 -11.62 -5.61
CA GLU C 13 6.62 -12.86 -5.43
C GLU C 13 7.99 -12.91 -6.09
N THR C 14 8.14 -12.26 -7.23
CA THR C 14 9.42 -12.28 -7.95
C THR C 14 10.02 -10.93 -8.33
N GLY C 15 9.30 -9.85 -8.06
CA GLY C 15 9.82 -8.54 -8.42
C GLY C 15 10.50 -7.79 -7.29
N GLY C 16 10.42 -8.33 -6.09
CA GLY C 16 11.03 -7.67 -4.95
C GLY C 16 10.15 -6.52 -4.48
N MET C 17 10.50 -5.94 -3.34
CA MET C 17 9.75 -4.82 -2.78
C MET C 17 9.69 -3.68 -3.80
N GLY C 18 8.49 -3.16 -4.02
CA GLY C 18 8.33 -2.08 -4.98
C GLY C 18 8.86 -0.72 -4.56
N LEU C 19 8.73 0.23 -5.48
CA LEU C 19 9.16 1.60 -5.27
C LEU C 19 8.62 2.38 -6.47
N ALA C 20 7.74 3.33 -6.21
CA ALA C 20 7.15 4.14 -7.28
C ALA C 20 8.17 5.16 -7.77
N VAL C 21 8.98 4.75 -8.73
CA VAL C 21 10.05 5.59 -9.26
C VAL C 21 9.62 6.92 -9.87
N ARG C 22 8.41 6.99 -10.41
CA ARG C 22 7.94 8.23 -11.03
C ARG C 22 7.36 9.23 -10.04
N GLN C 23 7.11 8.79 -8.81
CA GLN C 23 6.54 9.69 -7.81
C GLN C 23 7.56 10.37 -6.91
N ALA C 24 7.49 11.70 -6.87
CA ALA C 24 8.40 12.46 -6.04
C ALA C 24 8.17 12.13 -4.56
N PRO C 25 9.24 12.10 -3.75
CA PRO C 25 9.05 11.80 -2.33
C PRO C 25 7.98 12.72 -1.75
N LEU C 26 7.06 12.15 -0.97
CA LEU C 26 5.96 12.92 -0.40
C LEU C 26 6.31 13.83 0.78
N ILE C 27 5.83 15.06 0.72
CA ILE C 27 6.03 16.03 1.79
C ILE C 27 4.69 16.16 2.50
N ILE C 28 4.69 15.90 3.80
CA ILE C 28 3.47 15.94 4.61
C ILE C 28 3.31 17.26 5.35
N PRO C 29 2.40 18.14 4.88
CA PRO C 29 2.16 19.44 5.51
C PRO C 29 1.51 19.35 6.88
N LEU C 30 2.06 20.07 7.86
CA LEU C 30 1.48 20.09 9.20
C LEU C 30 0.50 21.24 9.33
N LYS C 31 -0.38 21.15 10.32
CA LYS C 31 -1.35 22.22 10.58
C LYS C 31 -0.51 23.43 11.01
N ALA C 32 -1.07 24.61 10.83
CA ALA C 32 -0.38 25.86 11.16
C ALA C 32 0.17 25.95 12.58
N THR C 33 -0.53 25.36 13.54
CA THR C 33 -0.10 25.44 14.93
C THR C 33 0.58 24.21 15.51
N SER C 34 0.82 23.19 14.70
CA SER C 34 1.45 21.97 15.19
C SER C 34 2.91 22.07 15.65
N THR C 35 3.18 21.38 16.76
CA THR C 35 4.49 21.31 17.37
C THR C 35 4.75 19.83 17.62
N PRO C 36 6.00 19.36 17.47
CA PRO C 36 6.28 17.94 17.70
C PRO C 36 5.79 17.41 19.04
N VAL C 37 5.31 16.18 19.03
CA VAL C 37 4.82 15.52 20.23
C VAL C 37 5.61 14.21 20.38
N SER C 38 6.14 13.98 21.57
CA SER C 38 6.93 12.78 21.83
C SER C 38 6.23 11.93 22.89
N ILE C 39 5.50 10.92 22.44
CA ILE C 39 4.77 10.05 23.34
C ILE C 39 5.65 8.91 23.87
N LYS C 40 5.52 8.66 25.17
CA LYS C 40 6.27 7.61 25.86
C LYS C 40 5.92 6.23 25.34
N GLN C 41 6.93 5.39 25.15
CA GLN C 41 6.70 4.02 24.68
C GLN C 41 6.48 3.12 25.88
N TYR C 42 5.26 2.58 26.00
CA TYR C 42 4.98 1.68 27.11
C TYR C 42 5.73 0.37 26.97
N PRO C 43 6.29 -0.14 28.06
CA PRO C 43 7.04 -1.41 28.03
C PRO C 43 6.29 -2.51 27.30
N MET C 44 7.00 -3.23 26.46
CA MET C 44 6.42 -4.32 25.69
C MET C 44 6.95 -5.63 26.25
N SER C 45 6.10 -6.65 26.31
CA SER C 45 6.49 -7.96 26.81
C SER C 45 7.50 -8.58 25.87
N GLN C 46 8.30 -9.50 26.39
CA GLN C 46 9.29 -10.16 25.55
C GLN C 46 8.58 -10.93 24.44
N GLU C 47 7.47 -11.57 24.78
CA GLU C 47 6.75 -12.33 23.77
C GLU C 47 6.39 -11.45 22.57
N ALA C 48 5.81 -10.29 22.84
CA ALA C 48 5.42 -9.36 21.77
C ALA C 48 6.63 -8.89 21.00
N ARG C 49 7.67 -8.50 21.74
CA ARG C 49 8.90 -8.01 21.16
C ARG C 49 9.55 -9.05 20.24
N LEU C 50 9.59 -10.29 20.67
CA LEU C 50 10.18 -11.35 19.85
C LEU C 50 9.36 -11.58 18.59
N GLY C 51 8.04 -11.49 18.71
CA GLY C 51 7.19 -11.69 17.56
C GLY C 51 7.33 -10.58 16.52
N ILE C 52 7.54 -9.36 17.00
CA ILE C 52 7.68 -8.19 16.14
C ILE C 52 9.07 -8.02 15.51
N LYS C 53 10.10 -8.38 16.27
CA LYS C 53 11.49 -8.25 15.84
C LYS C 53 11.83 -8.61 14.40
N PRO C 54 11.38 -9.79 13.92
CA PRO C 54 11.68 -10.20 12.54
C PRO C 54 11.11 -9.22 11.51
N HIS C 55 9.92 -8.69 11.79
CA HIS C 55 9.31 -7.74 10.86
C HIS C 55 10.14 -6.47 10.83
N ILE C 56 10.53 -5.98 12.00
CA ILE C 56 11.34 -4.77 12.07
C ILE C 56 12.67 -4.96 11.33
N GLN C 57 13.31 -6.10 11.53
CA GLN C 57 14.59 -6.38 10.89
C GLN C 57 14.44 -6.40 9.38
N ARG C 58 13.39 -7.06 8.90
CA ARG C 58 13.15 -7.13 7.46
C ARG C 58 12.98 -5.72 6.89
N LEU C 59 12.21 -4.88 7.59
CA LEU C 59 11.99 -3.52 7.13
C LEU C 59 13.29 -2.71 7.13
N LEU C 60 14.17 -3.01 8.07
CA LEU C 60 15.45 -2.29 8.13
C LEU C 60 16.30 -2.75 6.94
N ASP C 61 16.34 -4.06 6.71
CA ASP C 61 17.12 -4.58 5.60
C ASP C 61 16.62 -3.96 4.31
N GLN C 62 15.30 -3.86 4.16
CA GLN C 62 14.67 -3.29 2.98
C GLN C 62 14.83 -1.77 2.87
N GLY C 63 15.31 -1.15 3.94
CA GLY C 63 15.50 0.29 3.94
C GLY C 63 14.24 1.09 4.17
N ILE C 64 13.14 0.40 4.45
CA ILE C 64 11.86 1.04 4.69
C ILE C 64 11.89 1.74 6.05
N LEU C 65 12.64 1.18 6.98
CA LEU C 65 12.83 1.77 8.31
C LEU C 65 14.29 2.14 8.40
N VAL C 66 14.60 3.27 9.03
CA VAL C 66 15.98 3.71 9.20
C VAL C 66 16.12 4.34 10.57
N PRO C 67 17.32 4.31 11.15
CA PRO C 67 17.51 4.91 12.47
C PRO C 67 17.34 6.42 12.37
N CYS C 68 17.03 7.07 13.49
CA CYS C 68 16.87 8.52 13.51
C CYS C 68 16.74 9.04 14.93
N GLN C 69 16.85 10.37 15.06
CA GLN C 69 16.69 11.05 16.34
C GLN C 69 15.66 12.08 15.97
N SER C 70 14.46 11.96 16.54
CA SER C 70 13.39 12.89 16.20
C SER C 70 12.65 13.42 17.40
N PRO C 71 12.13 14.67 17.29
CA PRO C 71 11.37 15.36 18.33
C PRO C 71 10.00 14.68 18.45
N TRP C 72 9.64 13.92 17.42
CA TRP C 72 8.37 13.21 17.41
C TRP C 72 8.57 11.76 17.82
N ASN C 73 7.54 11.19 18.44
CA ASN C 73 7.58 9.78 18.83
C ASN C 73 6.18 9.32 19.16
N THR C 74 5.77 8.21 18.54
CA THR C 74 4.46 7.63 18.82
C THR C 74 4.67 6.18 19.24
N PRO C 75 3.70 5.60 19.96
CA PRO C 75 3.73 4.23 20.45
C PRO C 75 3.67 3.13 19.40
N LEU C 76 4.44 2.08 19.64
CA LEU C 76 4.43 0.91 18.76
C LEU C 76 3.59 -0.07 19.57
N LEU C 77 2.60 -0.67 18.93
CA LEU C 77 1.72 -1.62 19.62
C LEU C 77 1.91 -3.04 19.11
N PRO C 78 1.84 -4.02 20.03
CA PRO C 78 1.99 -5.43 19.68
C PRO C 78 0.58 -5.92 19.37
N VAL C 79 0.32 -6.35 18.14
CA VAL C 79 -1.04 -6.79 17.83
C VAL C 79 -1.18 -8.19 17.26
N LYS C 80 -1.86 -9.06 18.00
CA LYS C 80 -2.11 -10.42 17.56
C LYS C 80 -3.33 -10.38 16.66
N LYS C 81 -3.10 -10.42 15.35
CA LYS C 81 -4.21 -10.37 14.41
C LYS C 81 -5.11 -11.61 14.51
N PRO C 82 -6.18 -11.71 13.70
CA PRO C 82 -7.11 -12.85 13.72
C PRO C 82 -7.14 -13.68 15.00
N GLY C 83 -7.07 -13.00 16.15
CA GLY C 83 -7.09 -13.70 17.42
C GLY C 83 -5.89 -14.63 17.54
N THR C 84 -5.25 -14.89 16.40
CA THR C 84 -4.08 -15.77 16.34
C THR C 84 -2.98 -15.17 17.20
N ASN C 85 -2.09 -16.02 17.69
CA ASN C 85 -1.00 -15.57 18.55
C ASN C 85 0.25 -15.20 17.76
N ASP C 86 0.05 -14.36 16.75
CA ASP C 86 1.13 -13.90 15.88
C ASP C 86 1.17 -12.37 15.95
N TYR C 87 2.24 -11.82 16.50
CA TYR C 87 2.37 -10.38 16.64
C TYR C 87 2.93 -9.65 15.42
N ARG C 88 2.41 -8.44 15.21
CA ARG C 88 2.84 -7.59 14.12
C ARG C 88 2.82 -6.14 14.60
N PRO C 89 3.80 -5.34 14.17
CA PRO C 89 3.94 -3.94 14.54
C PRO C 89 2.77 -3.06 14.10
N VAL C 90 2.16 -2.37 15.06
CA VAL C 90 1.07 -1.46 14.76
C VAL C 90 1.37 -0.15 15.50
N GLN C 91 1.59 0.91 14.74
CA GLN C 91 1.92 2.21 15.30
C GLN C 91 0.68 3.05 15.58
N ASP C 92 0.62 3.64 16.77
CA ASP C 92 -0.49 4.49 17.13
C ASP C 92 -0.13 5.91 16.71
N LEU C 93 -0.54 6.28 15.51
CA LEU C 93 -0.24 7.60 14.95
C LEU C 93 -1.36 8.62 15.17
N ARG C 94 -2.26 8.36 16.11
CA ARG C 94 -3.34 9.30 16.34
C ARG C 94 -2.90 10.72 16.68
N GLU C 95 -1.87 10.88 17.50
CA GLU C 95 -1.40 12.22 17.87
C GLU C 95 -0.69 12.92 16.71
N VAL C 96 -0.15 12.12 15.79
CA VAL C 96 0.51 12.68 14.61
C VAL C 96 -0.59 13.08 13.63
N ASN C 97 -1.58 12.20 13.47
CA ASN C 97 -2.69 12.48 12.55
C ASN C 97 -3.40 13.77 12.92
N LYS C 98 -3.58 14.01 14.22
CA LYS C 98 -4.23 15.22 14.71
C LYS C 98 -3.50 16.49 14.31
N ARG C 99 -2.18 16.38 14.15
CA ARG C 99 -1.37 17.56 13.82
C ARG C 99 -1.03 17.76 12.34
N VAL C 100 -1.47 16.83 11.50
CA VAL C 100 -1.22 16.92 10.07
C VAL C 100 -2.41 17.57 9.37
N GLU C 101 -2.15 18.53 8.49
CA GLU C 101 -3.20 19.24 7.77
C GLU C 101 -4.08 18.27 6.97
N ASP C 102 -5.40 18.44 7.06
CA ASP C 102 -6.33 17.58 6.36
C ASP C 102 -6.30 17.77 4.87
N ILE C 103 -6.68 16.73 4.15
CA ILE C 103 -6.75 16.79 2.70
C ILE C 103 -8.12 16.24 2.33
N HIS C 104 -8.66 16.69 1.22
CA HIS C 104 -9.96 16.23 0.78
C HIS C 104 -9.89 14.74 0.42
N PRO C 105 -10.80 13.93 0.97
CA PRO C 105 -10.83 12.48 0.68
C PRO C 105 -11.29 12.27 -0.76
N THR C 106 -10.42 11.80 -1.63
CA THR C 106 -10.82 11.61 -3.02
C THR C 106 -11.11 10.16 -3.42
N VAL C 107 -10.91 9.22 -2.50
CA VAL C 107 -11.19 7.82 -2.81
C VAL C 107 -12.71 7.63 -2.85
N PRO C 108 -13.24 7.10 -3.97
CA PRO C 108 -14.69 6.86 -4.12
C PRO C 108 -15.13 5.71 -3.22
N ASN C 109 -16.41 5.68 -2.85
CA ASN C 109 -16.86 4.56 -2.03
C ASN C 109 -17.10 3.43 -3.04
N PRO C 110 -16.79 2.18 -2.63
CA PRO C 110 -16.98 1.02 -3.49
C PRO C 110 -18.30 1.00 -4.25
N TYR C 111 -19.38 1.38 -3.59
CA TYR C 111 -20.67 1.37 -4.26
C TYR C 111 -20.65 2.25 -5.52
N ASN C 112 -20.22 3.49 -5.38
CA ASN C 112 -20.15 4.39 -6.54
C ASN C 112 -19.11 3.96 -7.56
N LEU C 113 -17.98 3.44 -7.10
CA LEU C 113 -16.93 3.00 -8.02
C LEU C 113 -17.42 1.89 -8.94
N LEU C 114 -18.15 0.93 -8.39
CA LEU C 114 -18.66 -0.17 -9.20
C LEU C 114 -19.74 0.23 -10.20
N SER C 115 -20.39 1.35 -9.97
CA SER C 115 -21.43 1.83 -10.89
C SER C 115 -20.83 2.19 -12.25
N GLY C 116 -19.51 2.26 -12.30
CA GLY C 116 -18.84 2.61 -13.55
C GLY C 116 -18.40 1.40 -14.36
N LEU C 117 -19.07 0.28 -14.15
CA LEU C 117 -18.74 -0.95 -14.87
C LEU C 117 -19.91 -1.34 -15.78
N PRO C 118 -19.77 -1.13 -17.09
CA PRO C 118 -20.80 -1.45 -18.09
C PRO C 118 -21.09 -2.94 -18.23
N PRO C 119 -22.27 -3.29 -18.74
CA PRO C 119 -22.65 -4.70 -18.91
C PRO C 119 -21.83 -5.28 -20.06
N SER C 120 -21.39 -4.40 -20.94
CA SER C 120 -20.58 -4.77 -22.10
C SER C 120 -19.26 -5.45 -21.73
N HIS C 121 -18.64 -5.01 -20.64
CA HIS C 121 -17.37 -5.59 -20.22
C HIS C 121 -17.61 -6.59 -19.10
N GLN C 122 -17.58 -7.89 -19.45
CA GLN C 122 -17.81 -8.93 -18.46
C GLN C 122 -16.62 -9.87 -18.25
N TRP C 123 -15.48 -9.50 -18.80
CA TRP C 123 -14.26 -10.28 -18.61
C TRP C 123 -13.43 -9.49 -17.63
N TYR C 124 -13.21 -10.06 -16.45
CA TYR C 124 -12.48 -9.37 -15.38
C TYR C 124 -11.13 -9.91 -14.96
N THR C 125 -10.36 -9.03 -14.34
CA THR C 125 -9.06 -9.35 -13.78
C THR C 125 -8.97 -8.51 -12.52
N VAL C 126 -8.65 -9.15 -11.41
CA VAL C 126 -8.54 -8.44 -10.16
C VAL C 126 -7.12 -8.57 -9.65
N LEU C 127 -6.49 -7.43 -9.41
CA LEU C 127 -5.13 -7.40 -8.91
C LEU C 127 -5.09 -6.65 -7.59
N ASP C 128 -4.29 -7.14 -6.66
CA ASP C 128 -4.13 -6.51 -5.35
C ASP C 128 -2.68 -6.08 -5.28
N LEU C 129 -2.42 -4.80 -5.07
CA LEU C 129 -1.04 -4.34 -4.97
C LEU C 129 -0.49 -4.63 -3.57
N LYS C 130 0.66 -5.30 -3.54
CA LYS C 130 1.32 -5.69 -2.30
C LYS C 130 2.14 -4.54 -1.71
N ASP C 131 2.03 -4.35 -0.41
CA ASP C 131 2.75 -3.29 0.30
C ASP C 131 2.68 -2.00 -0.51
N ALA C 132 1.47 -1.65 -0.91
CA ALA C 132 1.23 -0.45 -1.72
C ALA C 132 1.79 0.83 -1.15
N PHE C 133 1.41 1.19 0.07
CA PHE C 133 1.90 2.42 0.67
C PHE C 133 3.41 2.48 0.70
N PHE C 134 4.05 1.36 1.05
CA PHE C 134 5.51 1.32 1.11
C PHE C 134 6.17 1.66 -0.22
N CYS C 135 5.41 1.57 -1.31
CA CYS C 135 5.96 1.88 -2.63
C CYS C 135 6.17 3.38 -2.81
N LEU C 136 5.52 4.19 -1.99
CA LEU C 136 5.66 5.63 -2.11
C LEU C 136 6.68 6.20 -1.14
N ARG C 137 7.73 6.82 -1.66
CA ARG C 137 8.75 7.40 -0.80
C ARG C 137 8.20 8.60 -0.04
N LEU C 138 8.76 8.81 1.15
CA LEU C 138 8.42 9.95 2.02
C LEU C 138 9.62 10.87 1.92
N HIS C 139 9.40 12.17 1.78
CA HIS C 139 10.49 13.12 1.70
C HIS C 139 11.25 13.12 3.02
N PRO C 140 12.59 13.24 2.98
CA PRO C 140 13.43 13.27 4.18
C PRO C 140 12.92 14.24 5.23
N THR C 141 12.35 15.35 4.78
CA THR C 141 11.83 16.37 5.68
C THR C 141 10.61 15.88 6.48
N SER C 142 9.84 14.96 5.89
CA SER C 142 8.65 14.45 6.55
C SER C 142 8.85 13.16 7.33
N GLN C 143 9.99 12.50 7.13
CA GLN C 143 10.24 11.24 7.84
C GLN C 143 10.27 11.32 9.36
N PRO C 144 10.92 12.34 9.94
CA PRO C 144 10.98 12.47 11.41
C PRO C 144 9.63 12.37 12.11
N LEU C 145 8.59 12.80 11.39
CA LEU C 145 7.23 12.82 11.90
C LEU C 145 6.70 11.49 12.42
N PHE C 146 7.08 10.40 11.76
CA PHE C 146 6.58 9.07 12.09
C PHE C 146 7.51 8.19 12.93
N ALA C 147 8.40 8.81 13.70
CA ALA C 147 9.35 8.03 14.50
C ALA C 147 8.74 7.30 15.69
N PHE C 148 9.41 6.22 16.09
CA PHE C 148 9.00 5.42 17.24
C PHE C 148 10.24 4.79 17.86
N GLU C 149 10.10 4.29 19.08
CA GLU C 149 11.21 3.66 19.78
C GLU C 149 11.32 2.17 19.50
N TRP C 150 12.55 1.67 19.39
CA TRP C 150 12.76 0.24 19.18
C TRP C 150 13.87 -0.24 20.11
N ARG C 151 13.55 -1.21 20.95
CA ARG C 151 14.49 -1.77 21.91
C ARG C 151 14.79 -3.25 21.67
N ASP C 152 16.08 -3.60 21.73
CA ASP C 152 16.51 -4.98 21.52
C ASP C 152 17.70 -5.30 22.44
N PRO C 153 17.56 -6.32 23.30
CA PRO C 153 18.57 -6.77 24.25
C PRO C 153 20.01 -6.98 23.76
N GLU C 154 20.19 -7.46 22.54
CA GLU C 154 21.55 -7.69 22.06
C GLU C 154 21.84 -7.33 20.61
N MET C 155 22.65 -6.29 20.41
CA MET C 155 23.11 -5.81 19.12
C MET C 155 21.94 -5.56 18.17
N GLY C 156 21.40 -4.35 18.21
CA GLY C 156 20.31 -3.97 17.32
C GLY C 156 20.31 -2.47 17.13
N ILE C 157 19.21 -1.83 17.56
CA ILE C 157 19.06 -0.38 17.45
C ILE C 157 19.34 0.26 18.81
N SER C 158 19.63 1.56 18.82
CA SER C 158 19.94 2.26 20.05
C SER C 158 18.87 3.28 20.48
N GLY C 159 17.85 3.49 19.65
CA GLY C 159 16.83 4.45 20.01
C GLY C 159 15.59 4.42 19.13
N GLN C 160 15.41 5.48 18.33
CA GLN C 160 14.25 5.59 17.46
C GLN C 160 14.51 5.11 16.04
N LEU C 161 13.41 4.81 15.36
CA LEU C 161 13.44 4.38 13.96
C LEU C 161 12.28 5.14 13.32
N THR C 162 12.32 5.31 12.00
CA THR C 162 11.23 5.96 11.32
C THR C 162 11.12 5.42 9.91
N TRP C 163 10.03 5.76 9.23
CA TRP C 163 9.78 5.28 7.88
C TRP C 163 10.30 6.17 6.77
N THR C 164 10.76 5.55 5.69
CA THR C 164 11.25 6.27 4.52
C THR C 164 10.17 6.17 3.45
N ARG C 165 9.09 5.47 3.79
CA ARG C 165 7.96 5.28 2.88
C ARG C 165 6.67 5.66 3.60
N LEU C 166 5.62 5.88 2.83
CA LEU C 166 4.31 6.22 3.36
C LEU C 166 3.93 5.10 4.34
N PRO C 167 3.66 5.45 5.60
CA PRO C 167 3.31 4.42 6.59
C PRO C 167 1.86 4.06 6.83
N GLN C 168 1.68 2.91 7.47
CA GLN C 168 0.37 2.40 7.83
C GLN C 168 -0.08 3.22 9.02
N GLY C 169 -1.39 3.41 9.16
CA GLY C 169 -1.91 4.14 10.29
C GLY C 169 -1.94 5.65 10.12
N PHE C 170 -1.35 6.16 9.05
CA PHE C 170 -1.34 7.59 8.78
C PHE C 170 -2.65 7.92 8.08
N LYS C 171 -3.41 8.86 8.63
CA LYS C 171 -4.72 9.19 8.08
C LYS C 171 -4.81 9.49 6.59
N ASN C 172 -3.75 10.05 6.00
CA ASN C 172 -3.82 10.36 4.59
C ASN C 172 -3.21 9.35 3.62
N SER C 173 -2.72 8.23 4.12
CA SER C 173 -2.12 7.24 3.23
C SER C 173 -3.03 6.70 2.13
N PRO C 174 -4.28 6.31 2.48
CA PRO C 174 -5.16 5.78 1.44
C PRO C 174 -5.37 6.75 0.27
N THR C 175 -5.69 7.99 0.60
CA THR C 175 -5.91 9.01 -0.40
C THR C 175 -4.66 9.37 -1.21
N LEU C 176 -3.54 9.53 -0.54
CA LEU C 176 -2.30 9.88 -1.24
C LEU C 176 -1.88 8.75 -2.18
N PHE C 177 -2.10 7.51 -1.77
CA PHE C 177 -1.72 6.41 -2.64
C PHE C 177 -2.65 6.35 -3.86
N ASP C 178 -3.95 6.44 -3.62
CA ASP C 178 -4.93 6.38 -4.71
C ASP C 178 -4.62 7.45 -5.76
N GLU C 179 -4.32 8.66 -5.29
CA GLU C 179 -4.01 9.76 -6.21
C GLU C 179 -2.72 9.52 -6.97
N ALA C 180 -1.69 9.03 -6.27
CA ALA C 180 -0.41 8.78 -6.91
C ALA C 180 -0.53 7.74 -8.01
N LEU C 181 -1.26 6.65 -7.73
CA LEU C 181 -1.42 5.59 -8.72
C LEU C 181 -2.27 6.08 -9.89
N HIS C 182 -3.24 6.95 -9.61
CA HIS C 182 -4.06 7.48 -10.69
C HIS C 182 -3.16 8.26 -11.65
N ARG C 183 -2.21 9.00 -11.10
CA ARG C 183 -1.29 9.75 -11.95
C ARG C 183 -0.42 8.80 -12.76
N ASP C 184 0.06 7.73 -12.14
CA ASP C 184 0.92 6.77 -12.82
C ASP C 184 0.21 5.92 -13.87
N LEU C 185 -1.10 5.77 -13.75
CA LEU C 185 -1.86 4.95 -14.69
C LEU C 185 -2.71 5.78 -15.66
N ALA C 186 -2.53 7.09 -15.61
CA ALA C 186 -3.27 7.98 -16.50
C ALA C 186 -2.98 7.62 -17.95
N ASP C 187 -1.70 7.46 -18.28
CA ASP C 187 -1.30 7.10 -19.63
C ASP C 187 -1.89 5.77 -20.09
N PHE C 188 -1.84 4.78 -19.21
CA PHE C 188 -2.38 3.46 -19.54
C PHE C 188 -3.85 3.58 -19.95
N ARG C 189 -4.62 4.36 -19.21
CA ARG C 189 -6.03 4.53 -19.51
C ARG C 189 -6.18 5.13 -20.91
N ILE C 190 -5.31 6.08 -21.24
CA ILE C 190 -5.32 6.73 -22.53
C ILE C 190 -4.96 5.75 -23.66
N GLN C 191 -4.02 4.86 -23.39
CA GLN C 191 -3.61 3.90 -24.41
C GLN C 191 -4.55 2.70 -24.53
N HIS C 192 -5.54 2.62 -23.65
CA HIS C 192 -6.48 1.51 -23.67
C HIS C 192 -7.92 1.96 -23.43
N PRO C 193 -8.47 2.75 -24.36
CA PRO C 193 -9.82 3.31 -24.31
C PRO C 193 -10.93 2.27 -24.14
N ASP C 194 -10.75 1.11 -24.76
CA ASP C 194 -11.75 0.05 -24.70
C ASP C 194 -11.75 -0.73 -23.40
N LEU C 195 -10.82 -0.39 -22.50
CA LEU C 195 -10.73 -1.08 -21.22
C LEU C 195 -11.27 -0.25 -20.07
N ILE C 196 -11.86 -0.93 -19.09
CA ILE C 196 -12.38 -0.26 -17.91
C ILE C 196 -11.43 -0.60 -16.78
N LEU C 197 -10.96 0.44 -16.07
CA LEU C 197 -10.04 0.25 -14.95
C LEU C 197 -10.55 0.94 -13.70
N LEU C 198 -10.89 0.15 -12.70
CA LEU C 198 -11.37 0.69 -11.44
C LEU C 198 -10.24 0.65 -10.43
N GLN C 199 -10.05 1.76 -9.72
CA GLN C 199 -9.01 1.84 -8.72
C GLN C 199 -9.57 2.13 -7.34
N TYR C 200 -9.26 1.27 -6.39
CA TYR C 200 -9.68 1.50 -5.01
C TYR C 200 -8.43 1.29 -4.18
N VAL C 201 -7.64 2.36 -4.05
CA VAL C 201 -6.38 2.32 -3.32
C VAL C 201 -5.51 1.22 -3.94
N ASP C 202 -5.32 0.12 -3.24
CA ASP C 202 -4.51 -0.96 -3.80
C ASP C 202 -5.29 -2.12 -4.42
N ASP C 203 -6.60 -1.95 -4.60
CA ASP C 203 -7.45 -3.00 -5.18
C ASP C 203 -7.87 -2.61 -6.59
N LEU C 204 -7.34 -3.31 -7.58
CA LEU C 204 -7.62 -3.00 -8.98
C LEU C 204 -8.50 -4.01 -9.71
N LEU C 205 -9.35 -3.48 -10.59
CA LEU C 205 -10.25 -4.29 -11.40
C LEU C 205 -10.16 -3.83 -12.85
N LEU C 206 -9.76 -4.73 -13.74
CA LEU C 206 -9.66 -4.40 -15.16
C LEU C 206 -10.82 -5.13 -15.84
N ALA C 207 -11.59 -4.41 -16.67
CA ALA C 207 -12.72 -5.01 -17.35
C ALA C 207 -12.61 -4.91 -18.86
N ALA C 208 -12.84 -6.04 -19.53
CA ALA C 208 -12.76 -6.10 -20.99
C ALA C 208 -14.05 -6.68 -21.58
N THR C 209 -14.20 -6.57 -22.89
CA THR C 209 -15.39 -7.11 -23.55
C THR C 209 -15.18 -8.56 -23.97
N SER C 210 -13.93 -8.94 -24.23
CA SER C 210 -13.63 -10.30 -24.65
C SER C 210 -12.44 -10.87 -23.90
N GLU C 211 -12.44 -12.20 -23.74
CA GLU C 211 -11.38 -12.88 -23.04
C GLU C 211 -9.99 -12.46 -23.53
N LEU C 212 -9.83 -12.38 -24.86
CA LEU C 212 -8.53 -11.98 -25.41
C LEU C 212 -8.19 -10.54 -25.04
N ASP C 213 -9.18 -9.65 -25.10
CA ASP C 213 -8.93 -8.25 -24.78
C ASP C 213 -8.54 -8.13 -23.31
N CYS C 214 -9.01 -9.05 -22.49
CA CYS C 214 -8.70 -9.04 -21.08
C CYS C 214 -7.29 -9.60 -20.89
N GLN C 215 -6.91 -10.53 -21.75
CA GLN C 215 -5.58 -11.12 -21.65
C GLN C 215 -4.56 -10.08 -22.08
N GLN C 216 -4.84 -9.41 -23.20
CA GLN C 216 -3.95 -8.39 -23.73
C GLN C 216 -3.90 -7.21 -22.76
N GLY C 217 -5.07 -6.80 -22.27
CA GLY C 217 -5.14 -5.70 -21.33
C GLY C 217 -4.37 -6.04 -20.06
N THR C 218 -4.65 -7.20 -19.51
CA THR C 218 -3.99 -7.65 -18.29
C THR C 218 -2.46 -7.69 -18.46
N ARG C 219 -2.00 -8.19 -19.61
CA ARG C 219 -0.57 -8.24 -19.86
C ARG C 219 0.02 -6.84 -19.82
N ALA C 220 -0.63 -5.92 -20.51
CA ALA C 220 -0.16 -4.54 -20.56
C ALA C 220 -0.16 -3.87 -19.17
N LEU C 221 -1.23 -4.10 -18.40
CA LEU C 221 -1.33 -3.51 -17.07
C LEU C 221 -0.23 -4.03 -16.15
N LEU C 222 0.00 -5.33 -16.17
CA LEU C 222 1.05 -5.93 -15.35
C LEU C 222 2.40 -5.37 -15.76
N GLN C 223 2.60 -5.23 -17.07
CA GLN C 223 3.85 -4.70 -17.60
C GLN C 223 4.07 -3.29 -17.08
N THR C 224 3.02 -2.47 -17.18
CA THR C 224 3.10 -1.10 -16.74
C THR C 224 3.35 -0.99 -15.24
N LEU C 225 2.55 -1.70 -14.45
CA LEU C 225 2.71 -1.67 -12.99
C LEU C 225 4.14 -2.02 -12.57
N GLY C 226 4.67 -3.10 -13.16
CA GLY C 226 6.02 -3.53 -12.84
C GLY C 226 7.02 -2.45 -13.16
N ASN C 227 6.92 -1.89 -14.36
CA ASN C 227 7.82 -0.86 -14.82
C ASN C 227 7.72 0.38 -13.94
N LEU C 228 6.52 0.73 -13.46
CA LEU C 228 6.34 1.90 -12.61
C LEU C 228 6.90 1.68 -11.20
N GLY C 229 7.04 0.41 -10.82
CA GLY C 229 7.59 0.10 -9.50
C GLY C 229 6.61 -0.50 -8.52
N TYR C 230 5.39 -0.80 -8.97
CA TYR C 230 4.38 -1.38 -8.10
C TYR C 230 4.48 -2.90 -8.20
N ARG C 231 3.87 -3.61 -7.25
CA ARG C 231 3.90 -5.06 -7.23
C ARG C 231 2.53 -5.64 -6.89
N ALA C 232 2.07 -6.57 -7.71
CA ALA C 232 0.77 -7.20 -7.48
C ALA C 232 0.96 -8.58 -6.85
N SER C 233 -0.04 -9.02 -6.07
CA SER C 233 0.03 -10.31 -5.41
C SER C 233 -0.32 -11.44 -6.39
N ALA C 234 0.66 -12.25 -6.75
CA ALA C 234 0.42 -13.35 -7.67
C ALA C 234 -0.51 -14.37 -7.01
N LYS C 235 -0.28 -14.60 -5.72
CA LYS C 235 -1.09 -15.54 -4.95
C LYS C 235 -2.58 -15.24 -5.02
N LYS C 236 -2.93 -13.96 -4.94
CA LYS C 236 -4.34 -13.53 -4.95
C LYS C 236 -4.92 -13.16 -6.30
N ALA C 237 -4.05 -12.89 -7.27
CA ALA C 237 -4.50 -12.49 -8.61
C ALA C 237 -5.63 -13.34 -9.17
N GLN C 238 -6.64 -12.68 -9.73
CA GLN C 238 -7.78 -13.33 -10.36
C GLN C 238 -7.71 -12.86 -11.81
N ILE C 239 -7.07 -13.65 -12.66
CA ILE C 239 -6.89 -13.26 -14.05
C ILE C 239 -7.92 -13.78 -15.05
N CYS C 240 -8.50 -12.83 -15.79
CA CYS C 240 -9.49 -13.12 -16.82
C CYS C 240 -10.57 -14.12 -16.41
N GLN C 241 -11.41 -13.72 -15.46
CA GLN C 241 -12.49 -14.58 -15.01
C GLN C 241 -13.78 -13.85 -15.38
N LYS C 242 -14.85 -14.60 -15.58
CA LYS C 242 -16.14 -13.99 -15.90
C LYS C 242 -16.86 -13.78 -14.58
N GLN C 243 -16.20 -14.22 -13.51
CA GLN C 243 -16.73 -14.11 -12.16
C GLN C 243 -15.52 -13.86 -11.24
N VAL C 244 -15.58 -12.80 -10.44
CA VAL C 244 -14.47 -12.47 -9.55
C VAL C 244 -14.94 -11.82 -8.25
N LYS C 245 -14.04 -11.82 -7.26
CA LYS C 245 -14.31 -11.19 -5.98
C LYS C 245 -13.60 -9.84 -6.01
N TYR C 246 -14.34 -8.76 -5.77
CA TYR C 246 -13.75 -7.43 -5.76
C TYR C 246 -14.47 -6.54 -4.74
N LEU C 247 -13.68 -6.00 -3.81
CA LEU C 247 -14.20 -5.11 -2.76
C LEU C 247 -15.42 -5.70 -2.05
N GLY C 248 -15.35 -6.98 -1.72
CA GLY C 248 -16.45 -7.61 -1.01
C GLY C 248 -17.61 -8.04 -1.89
N TYR C 249 -17.56 -7.70 -3.17
CA TYR C 249 -18.63 -8.09 -4.07
C TYR C 249 -18.23 -9.28 -4.94
N LEU C 250 -19.22 -10.05 -5.36
CA LEU C 250 -18.98 -11.18 -6.23
C LEU C 250 -19.53 -10.74 -7.58
N LEU C 251 -18.63 -10.42 -8.51
CA LEU C 251 -19.05 -9.99 -9.84
C LEU C 251 -19.33 -11.21 -10.69
N LYS C 252 -20.55 -11.28 -11.22
CA LYS C 252 -20.99 -12.40 -12.04
C LYS C 252 -22.13 -11.96 -12.95
N GLU C 253 -22.02 -12.29 -14.23
CA GLU C 253 -23.07 -11.94 -15.19
C GLU C 253 -23.52 -10.49 -14.97
N GLY C 254 -22.56 -9.57 -14.90
CA GLY C 254 -22.88 -8.17 -14.69
C GLY C 254 -23.71 -7.87 -13.45
N GLN C 255 -23.70 -8.78 -12.48
CA GLN C 255 -24.48 -8.59 -11.26
C GLN C 255 -23.66 -8.11 -10.07
N ARG C 256 -24.27 -7.18 -9.31
CA ARG C 256 -23.67 -6.57 -8.13
C ARG C 256 -22.71 -5.42 -8.45
#